data_6L8K
#
_entry.id   6L8K
#
_cell.length_a   122.766
_cell.length_b   64.928
_cell.length_c   66.371
_cell.angle_alpha   90.000
_cell.angle_beta   121.190
_cell.angle_gamma   90.000
#
_symmetry.space_group_name_H-M   'C 1 2 1'
#
loop_
_entity.id
_entity.type
_entity.pdbx_description
1 polymer 'UTP:RNA uridylyltransferase 1'
2 non-polymer "URIDINE 5'-TRIPHOSPHATE"
#
_entity_poly.entity_id   1
_entity_poly.type   'polypeptide(L)'
_entity_poly.pdbx_seq_one_letter_code
;MGSSHHHHHHSSGENLYFQGQRLLGQKARMVKMYMACRNDIHRYDATFIAIYKSLIPAEEELEKQRQLMAHLENLVAKEW
PHAKLYLYGSCANSFGFPKSDIDVCLAIEGDDINKSEMLLKLAEILESDNLQNVQALTRARVPIVKLMDPVTGISCAICI
NNVLAVVNTKLLRDYAQIDVRLRQLAFIVKHWAKSRRVNETYQGTLSSYAYVLMCIHFLQQRRPPILPCLQEMEPTYSVR
VDNIRCTYFDNVDRLRNFGSNNRETIAELVWGFFNYWAYAHDYAYNVVSVRTGSILGKREKDWTRRVGNDRHLICIEDPF
ETSHDLGRVVDKFSIRVLREEFERAARIMHQDPNPCAKLLEPYIPEDNNGQGHN
;
_entity_poly.pdbx_strand_id   A
#
loop_
_chem_comp.id
_chem_comp.type
_chem_comp.name
_chem_comp.formula
UTP non-polymer 'URIDINE 5'-TRIPHOSPHATE' 'C9 H15 N2 O15 P3'
#
# COMPACT_ATOMS: atom_id res chain seq x y z
N ALA A 36 21.10 17.91 -12.51
CA ALA A 36 22.32 17.37 -11.95
C ALA A 36 22.03 16.33 -10.87
N CYS A 37 22.99 15.45 -10.63
CA CYS A 37 22.86 14.41 -9.60
C CYS A 37 24.26 14.03 -9.13
N ARG A 38 24.32 13.12 -8.16
CA ARG A 38 25.58 12.70 -7.60
C ARG A 38 26.37 11.85 -8.59
N ASN A 39 27.68 12.10 -8.67
CA ASN A 39 28.55 11.28 -9.50
C ASN A 39 28.75 9.89 -8.91
N ASP A 40 28.58 9.73 -7.61
CA ASP A 40 28.82 8.45 -6.92
C ASP A 40 27.51 7.82 -6.42
N ILE A 41 26.40 8.13 -7.09
CA ILE A 41 25.09 7.70 -6.59
C ILE A 41 25.00 6.17 -6.49
N HIS A 42 25.68 5.45 -7.38
CA HIS A 42 25.57 4.00 -7.41
C HIS A 42 26.32 3.33 -6.27
N ARG A 43 27.14 4.06 -5.53
CA ARG A 43 27.82 3.49 -4.37
C ARG A 43 26.84 3.09 -3.29
N TYR A 44 25.63 3.65 -3.31
CA TYR A 44 24.64 3.43 -2.27
C TYR A 44 23.52 2.51 -2.71
N ASP A 45 23.57 1.98 -3.94
CA ASP A 45 22.66 0.91 -4.34
C ASP A 45 22.81 -0.28 -3.41
N ALA A 46 24.03 -0.59 -3.00
CA ALA A 46 24.28 -1.77 -2.17
C ALA A 46 23.54 -1.66 -0.84
N THR A 47 23.63 -0.51 -0.18
CA THR A 47 23.03 -0.38 1.14
C THR A 47 21.50 -0.34 1.06
N PHE A 48 20.95 0.42 0.10
CA PHE A 48 19.51 0.58 0.01
C PHE A 48 18.80 -0.76 -0.14
N ILE A 49 19.36 -1.66 -0.94
CA ILE A 49 18.75 -2.98 -1.11
C ILE A 49 18.95 -3.81 0.15
N ALA A 50 20.08 -3.63 0.84
CA ALA A 50 20.26 -4.29 2.13
C ALA A 50 19.24 -3.81 3.15
N ILE A 51 18.95 -2.50 3.16
CA ILE A 51 17.85 -1.98 3.97
C ILE A 51 16.55 -2.61 3.51
N TYR A 52 16.36 -2.71 2.20
CA TYR A 52 15.12 -3.25 1.63
C TYR A 52 14.87 -4.68 2.09
N LYS A 53 15.82 -5.58 1.83
CA LYS A 53 15.60 -6.99 2.16
C LYS A 53 15.60 -7.27 3.65
N SER A 54 15.98 -6.29 4.48
CA SER A 54 15.78 -6.44 5.92
C SER A 54 14.37 -6.06 6.32
N LEU A 55 13.79 -5.07 5.65
CA LEU A 55 12.43 -4.63 5.96
C LEU A 55 11.37 -5.61 5.47
N ILE A 56 11.70 -6.48 4.53
CA ILE A 56 10.68 -7.41 4.03
C ILE A 56 10.47 -8.52 5.06
N PRO A 57 9.24 -9.00 5.23
CA PRO A 57 9.03 -10.08 6.21
C PRO A 57 9.75 -11.35 5.80
N ALA A 58 10.16 -12.12 6.81
CA ALA A 58 10.82 -13.38 6.54
C ALA A 58 9.83 -14.37 5.93
N GLU A 59 10.38 -15.34 5.18
CA GLU A 59 9.54 -16.37 4.59
C GLU A 59 8.86 -17.21 5.67
N GLU A 60 9.58 -17.51 6.75
CA GLU A 60 9.00 -18.29 7.84
C GLU A 60 7.77 -17.62 8.40
N GLU A 61 7.77 -16.29 8.47
CA GLU A 61 6.60 -15.56 8.96
C GLU A 61 5.44 -15.65 7.98
N LEU A 62 5.72 -15.54 6.68
CA LEU A 62 4.67 -15.61 5.68
C LEU A 62 4.17 -17.02 5.47
N GLU A 63 5.00 -18.03 5.72
CA GLU A 63 4.53 -19.41 5.70
C GLU A 63 3.45 -19.62 6.75
N LYS A 64 3.60 -19.00 7.92
CA LYS A 64 2.56 -19.10 8.95
C LYS A 64 1.28 -18.39 8.53
N GLN A 65 1.40 -17.38 7.66
CA GLN A 65 0.21 -16.66 7.22
C GLN A 65 -0.62 -17.49 6.24
N ARG A 66 0.04 -18.08 5.23
CA ARG A 66 -0.68 -18.88 4.25
C ARG A 66 -1.29 -20.13 4.90
N GLN A 67 -0.60 -20.69 5.90
CA GLN A 67 -1.13 -21.87 6.60
C GLN A 67 -2.35 -21.50 7.43
N LEU A 68 -2.34 -20.33 8.04
CA LEU A 68 -3.51 -19.88 8.80
C LEU A 68 -4.67 -19.54 7.87
N MET A 69 -4.37 -18.86 6.75
CA MET A 69 -5.43 -18.45 5.83
C MET A 69 -6.09 -19.65 5.18
N ALA A 70 -5.28 -20.62 4.73
CA ALA A 70 -5.85 -21.83 4.13
C ALA A 70 -6.77 -22.55 5.12
N HIS A 71 -6.48 -22.44 6.42
CA HIS A 71 -7.33 -23.05 7.43
C HIS A 71 -8.62 -22.26 7.62
N LEU A 72 -8.54 -20.93 7.62
CA LEU A 72 -9.72 -20.11 7.83
C LEU A 72 -10.61 -20.05 6.61
N GLU A 73 -10.04 -20.23 5.41
CA GLU A 73 -10.86 -20.36 4.21
C GLU A 73 -11.69 -21.63 4.26
N ASN A 74 -11.04 -22.77 4.53
CA ASN A 74 -11.76 -24.04 4.59
C ASN A 74 -12.78 -24.04 5.72
N LEU A 75 -12.51 -23.33 6.82
CA LEU A 75 -13.44 -23.33 7.94
C LEU A 75 -14.67 -22.48 7.63
N VAL A 76 -14.48 -21.29 7.06
CA VAL A 76 -15.60 -20.44 6.68
C VAL A 76 -16.43 -21.12 5.60
N ALA A 77 -15.77 -21.81 4.67
CA ALA A 77 -16.48 -22.47 3.58
C ALA A 77 -17.40 -23.58 4.07
N LYS A 78 -17.16 -24.12 5.27
CA LYS A 78 -18.04 -25.16 5.79
C LYS A 78 -19.40 -24.59 6.18
N GLU A 79 -19.45 -23.34 6.63
CA GLU A 79 -20.72 -22.70 6.97
C GLU A 79 -21.33 -21.96 5.80
N TRP A 80 -20.52 -21.24 5.03
CA TRP A 80 -20.97 -20.51 3.84
C TRP A 80 -20.18 -21.03 2.65
N PRO A 81 -20.69 -22.03 1.93
CA PRO A 81 -19.95 -22.56 0.77
C PRO A 81 -19.78 -21.57 -0.35
N HIS A 82 -20.57 -20.50 -0.37
CA HIS A 82 -20.51 -19.48 -1.42
C HIS A 82 -19.67 -18.28 -1.01
N ALA A 83 -19.09 -18.28 0.18
CA ALA A 83 -18.29 -17.17 0.65
C ALA A 83 -16.83 -17.36 0.27
N LYS A 84 -16.14 -16.24 0.05
CA LYS A 84 -14.73 -16.23 -0.28
C LYS A 84 -13.98 -15.35 0.70
N LEU A 85 -12.89 -15.87 1.27
CA LEU A 85 -12.02 -15.09 2.12
C LEU A 85 -10.91 -14.47 1.28
N TYR A 86 -10.72 -13.16 1.43
CA TYR A 86 -9.62 -12.46 0.79
C TYR A 86 -8.82 -11.70 1.83
N LEU A 87 -7.51 -11.76 1.71
CA LEU A 87 -6.63 -10.90 2.49
C LEU A 87 -6.58 -9.52 1.87
N TYR A 88 -6.37 -8.50 2.70
CA TYR A 88 -6.23 -7.14 2.21
C TYR A 88 -5.40 -6.33 3.20
N GLY A 89 -4.82 -5.26 2.70
CA GLY A 89 -3.97 -4.40 3.50
C GLY A 89 -2.50 -4.71 3.30
N SER A 90 -1.72 -4.34 4.32
CA SER A 90 -0.28 -4.54 4.26
C SER A 90 0.09 -6.01 4.13
N CYS A 91 -0.77 -6.90 4.62
CA CYS A 91 -0.48 -8.32 4.61
C CYS A 91 -0.76 -9.00 3.27
N ALA A 92 -1.22 -8.25 2.26
CA ALA A 92 -1.57 -8.86 0.98
C ALA A 92 -1.18 -8.07 -0.25
N ASN A 93 -0.89 -6.77 -0.15
CA ASN A 93 -0.46 -5.99 -1.31
C ASN A 93 1.04 -6.09 -1.57
N SER A 94 1.75 -6.89 -0.77
CA SER A 94 3.20 -7.09 -0.89
C SER A 94 3.98 -5.80 -0.66
N PHE A 95 3.44 -4.92 0.18
CA PHE A 95 4.13 -3.71 0.62
C PHE A 95 4.08 -3.56 2.14
N GLY A 96 4.04 -4.67 2.85
CA GLY A 96 3.82 -4.67 4.29
C GLY A 96 5.09 -4.99 5.06
N PHE A 97 5.25 -4.35 6.21
CA PHE A 97 6.35 -4.60 7.11
C PHE A 97 6.02 -5.80 8.01
N PRO A 98 7.04 -6.43 8.59
CA PRO A 98 6.78 -7.63 9.40
C PRO A 98 5.94 -7.31 10.64
N LYS A 99 4.90 -8.10 10.83
CA LYS A 99 4.02 -8.04 11.99
C LYS A 99 3.13 -9.27 11.95
N SER A 100 2.52 -9.58 13.09
CA SER A 100 1.64 -10.73 13.26
C SER A 100 0.18 -10.34 13.28
N ASP A 101 -0.23 -9.42 12.40
CA ASP A 101 -1.62 -9.00 12.28
C ASP A 101 -1.99 -8.97 10.82
N ILE A 102 -3.07 -9.67 10.46
CA ILE A 102 -3.56 -9.72 9.08
C ILE A 102 -5.01 -9.28 9.06
N ASP A 103 -5.42 -8.69 7.94
CA ASP A 103 -6.78 -8.26 7.71
C ASP A 103 -7.44 -9.14 6.67
N VAL A 104 -8.68 -9.56 6.95
CA VAL A 104 -9.41 -10.50 6.10
C VAL A 104 -10.79 -9.93 5.82
N CYS A 105 -11.15 -9.89 4.54
CA CYS A 105 -12.49 -9.53 4.11
C CYS A 105 -13.24 -10.79 3.73
N LEU A 106 -14.40 -11.00 4.36
CA LEU A 106 -15.26 -12.14 4.05
C LEU A 106 -16.26 -11.66 2.98
N ALA A 107 -16.04 -12.05 1.74
CA ALA A 107 -16.89 -11.66 0.63
C ALA A 107 -18.05 -12.65 0.51
N ILE A 108 -19.27 -12.12 0.58
CA ILE A 108 -20.48 -12.93 0.42
C ILE A 108 -21.52 -12.08 -0.28
N GLU A 109 -22.33 -12.70 -1.12
CA GLU A 109 -23.26 -12.01 -1.98
C GLU A 109 -24.71 -12.22 -1.53
N GLY A 110 -25.54 -11.24 -1.79
CA GLY A 110 -26.92 -11.26 -1.37
C GLY A 110 -27.44 -9.85 -1.20
N ASP A 111 -28.69 -9.76 -0.76
CA ASP A 111 -29.35 -8.48 -0.52
C ASP A 111 -29.62 -8.21 0.95
N ASP A 112 -30.13 -9.19 1.69
CA ASP A 112 -30.31 -9.04 3.14
C ASP A 112 -29.06 -9.42 3.91
N ILE A 113 -27.90 -9.01 3.39
CA ILE A 113 -26.63 -9.24 4.07
C ILE A 113 -26.60 -8.39 5.34
N ASN A 114 -26.71 -9.05 6.50
CA ASN A 114 -26.53 -8.39 7.79
C ASN A 114 -25.20 -8.88 8.36
N LYS A 115 -24.21 -7.97 8.41
CA LYS A 115 -22.86 -8.34 8.79
C LYS A 115 -22.75 -8.66 10.28
N SER A 116 -23.64 -8.08 11.10
CA SER A 116 -23.57 -8.34 12.54
C SER A 116 -23.94 -9.79 12.85
N GLU A 117 -25.07 -10.25 12.34
CA GLU A 117 -25.51 -11.61 12.63
C GLU A 117 -24.57 -12.66 12.03
N MET A 118 -23.92 -12.33 10.90
CA MET A 118 -22.95 -13.26 10.33
C MET A 118 -21.68 -13.30 11.18
N LEU A 119 -21.16 -12.14 11.58
CA LEU A 119 -19.91 -12.10 12.32
C LEU A 119 -20.04 -12.66 13.73
N LEU A 120 -21.24 -12.70 14.29
CA LEU A 120 -21.44 -13.37 15.58
C LEU A 120 -21.54 -14.88 15.39
N LYS A 121 -22.24 -15.32 14.35
CA LYS A 121 -22.21 -16.73 13.99
C LYS A 121 -20.80 -17.16 13.64
N LEU A 122 -20.08 -16.31 12.90
CA LEU A 122 -18.67 -16.59 12.62
C LEU A 122 -17.84 -16.58 13.90
N ALA A 123 -18.22 -15.75 14.88
CA ALA A 123 -17.45 -15.67 16.11
C ALA A 123 -17.49 -16.98 16.90
N GLU A 124 -18.65 -17.66 16.90
CA GLU A 124 -18.76 -18.91 17.64
C GLU A 124 -18.09 -20.06 16.90
N ILE A 125 -18.05 -20.01 15.56
CA ILE A 125 -17.34 -21.03 14.80
C ILE A 125 -15.84 -20.94 15.08
N LEU A 126 -15.33 -19.72 15.33
CA LEU A 126 -13.94 -19.58 15.73
C LEU A 126 -13.73 -20.09 17.15
N GLU A 127 -14.69 -19.84 18.05
CA GLU A 127 -14.52 -20.24 19.44
C GLU A 127 -14.59 -21.76 19.60
N SER A 128 -15.45 -22.42 18.82
CA SER A 128 -15.48 -23.87 18.84
C SER A 128 -14.34 -24.50 18.04
N ASP A 129 -13.59 -23.71 17.29
CA ASP A 129 -12.38 -24.17 16.63
C ASP A 129 -11.14 -23.97 17.51
N ASN A 130 -11.34 -23.66 18.80
CA ASN A 130 -10.26 -23.48 19.77
C ASN A 130 -9.35 -22.30 19.42
N LEU A 131 -9.89 -21.31 18.71
CA LEU A 131 -9.15 -20.08 18.45
C LEU A 131 -9.27 -19.13 19.64
N GLN A 132 -8.14 -18.55 20.03
CA GLN A 132 -8.09 -17.75 21.25
C GLN A 132 -8.42 -16.29 20.98
N ASN A 133 -8.95 -15.63 22.01
CA ASN A 133 -9.21 -14.18 22.00
C ASN A 133 -10.14 -13.77 20.87
N VAL A 134 -11.21 -14.55 20.67
CA VAL A 134 -12.22 -14.17 19.69
C VAL A 134 -13.01 -13.00 20.25
N GLN A 135 -12.70 -11.79 19.76
CA GLN A 135 -13.34 -10.56 20.22
C GLN A 135 -14.23 -10.00 19.12
N ALA A 136 -15.36 -9.43 19.51
CA ALA A 136 -16.22 -8.67 18.61
C ALA A 136 -15.90 -7.20 18.78
N LEU A 137 -15.46 -6.55 17.70
CA LEU A 137 -14.98 -5.18 17.75
C LEU A 137 -15.72 -4.33 16.71
N THR A 138 -15.64 -3.02 16.91
CA THR A 138 -16.15 -2.05 15.95
C THR A 138 -15.09 -0.99 15.67
N ARG A 139 -15.10 -0.50 14.43
CA ARG A 139 -14.26 0.62 14.01
C ARG A 139 -15.15 1.59 13.24
N ALA A 140 -15.52 2.70 13.87
CA ALA A 140 -16.44 3.65 13.26
C ALA A 140 -17.73 2.95 12.81
N ARG A 141 -18.16 1.98 13.62
CA ARG A 141 -19.41 1.22 13.55
C ARG A 141 -19.39 0.05 12.58
N VAL A 142 -18.30 -0.22 11.87
CA VAL A 142 -18.27 -1.42 11.05
C VAL A 142 -17.98 -2.62 11.96
N PRO A 143 -18.80 -3.67 11.90
CA PRO A 143 -18.53 -4.85 12.75
C PRO A 143 -17.27 -5.56 12.32
N ILE A 144 -16.42 -5.87 13.30
CA ILE A 144 -15.17 -6.60 13.11
C ILE A 144 -15.10 -7.68 14.18
N VAL A 145 -14.54 -8.83 13.84
CA VAL A 145 -14.19 -9.84 14.82
C VAL A 145 -12.71 -10.18 14.67
N LYS A 146 -12.04 -10.38 15.80
CA LYS A 146 -10.60 -10.57 15.86
C LYS A 146 -10.29 -11.88 16.55
N LEU A 147 -9.31 -12.61 16.02
CA LEU A 147 -8.90 -13.88 16.59
C LEU A 147 -7.38 -13.92 16.68
N MET A 148 -6.88 -14.82 17.53
CA MET A 148 -5.45 -15.01 17.73
C MET A 148 -5.16 -16.51 17.64
N ASP A 149 -4.42 -16.92 16.63
CA ASP A 149 -4.18 -18.34 16.37
C ASP A 149 -3.13 -18.87 17.33
N PRO A 150 -3.45 -19.87 18.16
CA PRO A 150 -2.43 -20.46 19.05
C PRO A 150 -1.33 -21.18 18.29
N VAL A 151 -1.58 -21.61 17.05
CA VAL A 151 -0.59 -22.37 16.31
C VAL A 151 0.53 -21.45 15.82
N THR A 152 0.17 -20.32 15.21
CA THR A 152 1.13 -19.43 14.59
C THR A 152 1.31 -18.11 15.34
N GLY A 153 0.50 -17.83 16.35
CA GLY A 153 0.59 -16.55 17.03
C GLY A 153 0.12 -15.37 16.22
N ILE A 154 -0.43 -15.60 15.03
CA ILE A 154 -0.88 -14.53 14.15
C ILE A 154 -2.28 -14.09 14.57
N SER A 155 -2.50 -12.78 14.55
CA SER A 155 -3.82 -12.21 14.77
C SER A 155 -4.49 -11.93 13.43
N CYS A 156 -5.82 -11.92 13.43
CA CYS A 156 -6.60 -11.78 12.21
C CYS A 156 -7.88 -11.03 12.49
N ALA A 157 -8.16 -9.99 11.71
CA ALA A 157 -9.36 -9.17 11.84
C ALA A 157 -10.25 -9.40 10.63
N ILE A 158 -11.50 -9.78 10.87
CA ILE A 158 -12.41 -10.25 9.83
C ILE A 158 -13.58 -9.29 9.73
N CYS A 159 -13.89 -8.86 8.50
CA CYS A 159 -15.05 -8.02 8.23
C CYS A 159 -15.75 -8.53 6.98
N ILE A 160 -17.01 -8.14 6.82
CA ILE A 160 -17.86 -8.63 5.74
C ILE A 160 -17.91 -7.57 4.64
N ASN A 161 -17.64 -8.00 3.40
CA ASN A 161 -17.92 -7.21 2.20
C ASN A 161 -17.22 -5.85 2.22
N ASN A 162 -15.93 -5.87 2.52
CA ASN A 162 -15.06 -4.72 2.28
C ASN A 162 -14.33 -4.91 0.94
N VAL A 163 -15.14 -5.11 -0.11
CA VAL A 163 -14.62 -5.67 -1.35
C VAL A 163 -13.74 -4.66 -2.08
N LEU A 164 -14.10 -3.37 -2.03
CA LEU A 164 -13.33 -2.38 -2.78
C LEU A 164 -11.90 -2.29 -2.23
N ALA A 165 -11.73 -2.46 -0.92
CA ALA A 165 -10.40 -2.51 -0.34
C ALA A 165 -9.63 -3.75 -0.77
N VAL A 166 -10.32 -4.82 -1.19
CA VAL A 166 -9.63 -6.00 -1.70
C VAL A 166 -9.11 -5.75 -3.10
N VAL A 167 -9.91 -5.10 -3.95
CA VAL A 167 -9.45 -4.77 -5.29
C VAL A 167 -8.34 -3.74 -5.23
N ASN A 168 -8.36 -2.84 -4.25
CA ASN A 168 -7.26 -1.91 -4.05
C ASN A 168 -5.94 -2.65 -3.89
N THR A 169 -5.91 -3.63 -2.98
CA THR A 169 -4.67 -4.37 -2.74
C THR A 169 -4.32 -5.26 -3.92
N LYS A 170 -5.31 -5.72 -4.68
CA LYS A 170 -5.01 -6.52 -5.87
C LYS A 170 -4.24 -5.71 -6.89
N LEU A 171 -4.60 -4.43 -7.06
CA LEU A 171 -3.88 -3.56 -7.97
C LEU A 171 -2.43 -3.39 -7.55
N LEU A 172 -2.19 -3.03 -6.29
CA LEU A 172 -0.83 -2.80 -5.82
C LEU A 172 -0.02 -4.09 -5.83
N ARG A 173 -0.66 -5.22 -5.51
CA ARG A 173 0.02 -6.51 -5.63
C ARG A 173 0.36 -6.80 -7.09
N ASP A 174 -0.56 -6.50 -8.00
CA ASP A 174 -0.28 -6.68 -9.42
C ASP A 174 0.84 -5.75 -9.89
N TYR A 175 0.87 -4.52 -9.36
CA TYR A 175 1.93 -3.59 -9.75
C TYR A 175 3.28 -4.06 -9.20
N ALA A 176 3.30 -4.59 -7.98
CA ALA A 176 4.55 -5.05 -7.40
C ALA A 176 5.16 -6.23 -8.14
N GLN A 177 4.36 -6.92 -8.96
CA GLN A 177 4.87 -8.04 -9.74
C GLN A 177 5.60 -7.59 -11.00
N ILE A 178 5.43 -6.34 -11.41
CA ILE A 178 5.96 -5.89 -12.70
C ILE A 178 7.44 -5.58 -12.60
N ASP A 179 7.85 -4.86 -11.55
CA ASP A 179 9.24 -4.49 -11.37
C ASP A 179 9.60 -4.60 -9.91
N VAL A 180 10.81 -5.12 -9.63
CA VAL A 180 11.25 -5.26 -8.26
C VAL A 180 11.55 -3.89 -7.64
N ARG A 181 11.89 -2.90 -8.47
CA ARG A 181 12.27 -1.60 -7.94
C ARG A 181 11.09 -0.89 -7.29
N LEU A 182 9.86 -1.21 -7.70
CA LEU A 182 8.68 -0.67 -7.01
C LEU A 182 8.65 -1.11 -5.57
N ARG A 183 8.80 -2.42 -5.33
CA ARG A 183 8.86 -2.92 -3.96
C ARG A 183 10.06 -2.33 -3.22
N GLN A 184 11.20 -2.21 -3.90
CA GLN A 184 12.40 -1.70 -3.25
C GLN A 184 12.24 -0.24 -2.87
N LEU A 185 11.72 0.57 -3.79
CA LEU A 185 11.53 1.99 -3.48
C LEU A 185 10.47 2.20 -2.42
N ALA A 186 9.35 1.47 -2.50
CA ALA A 186 8.26 1.66 -1.57
C ALA A 186 8.64 1.26 -0.14
N PHE A 187 9.45 0.21 0.01
CA PHE A 187 9.91 -0.15 1.35
C PHE A 187 10.87 0.89 1.91
N ILE A 188 11.65 1.55 1.05
CA ILE A 188 12.52 2.61 1.52
C ILE A 188 11.70 3.81 1.98
N VAL A 189 10.72 4.22 1.18
CA VAL A 189 9.93 5.41 1.50
C VAL A 189 9.10 5.18 2.75
N LYS A 190 8.42 4.03 2.84
CA LYS A 190 7.60 3.73 4.00
C LYS A 190 8.44 3.74 5.28
N HIS A 191 9.66 3.21 5.22
CA HIS A 191 10.54 3.30 6.38
C HIS A 191 10.92 4.74 6.69
N TRP A 192 11.09 5.57 5.65
CA TRP A 192 11.41 6.97 5.86
C TRP A 192 10.24 7.69 6.53
N ALA A 193 9.01 7.44 6.08
CA ALA A 193 7.86 8.12 6.64
C ALA A 193 7.68 7.79 8.11
N LYS A 194 7.95 6.53 8.50
CA LYS A 194 7.80 6.14 9.89
C LYS A 194 8.92 6.70 10.75
N SER A 195 10.15 6.63 10.26
CA SER A 195 11.28 7.15 11.03
C SER A 195 11.15 8.66 11.24
N ARG A 196 10.62 9.36 10.25
CA ARG A 196 10.44 10.81 10.33
C ARG A 196 9.09 11.21 10.88
N ARG A 197 8.29 10.25 11.35
CA ARG A 197 7.02 10.53 12.03
C ARG A 197 6.07 11.33 11.15
N VAL A 198 5.91 10.88 9.90
CA VAL A 198 4.97 11.49 8.97
C VAL A 198 4.12 10.41 8.31
N ASN A 199 3.72 9.41 9.08
CA ASN A 199 2.92 8.30 8.59
C ASN A 199 1.61 8.16 9.38
N GLU A 200 1.13 9.26 9.93
CA GLU A 200 -0.08 9.28 10.74
C GLU A 200 -1.08 10.26 10.12
N THR A 201 -2.16 9.73 9.55
CA THR A 201 -3.21 10.61 9.04
C THR A 201 -3.87 11.40 10.16
N TYR A 202 -3.96 10.81 11.36
CA TYR A 202 -4.54 11.51 12.50
C TYR A 202 -3.68 12.66 12.98
N GLN A 203 -2.47 12.83 12.44
CA GLN A 203 -1.64 13.98 12.74
C GLN A 203 -1.39 14.85 11.51
N GLY A 204 -2.09 14.60 10.41
CA GLY A 204 -2.02 15.45 9.24
C GLY A 204 -1.10 14.99 8.14
N THR A 205 -0.49 13.81 8.28
CA THR A 205 0.40 13.28 7.27
C THR A 205 -0.31 12.14 6.52
N LEU A 206 0.44 11.43 5.68
CA LEU A 206 -0.16 10.50 4.72
C LEU A 206 0.01 9.04 5.16
N SER A 207 -0.99 8.24 4.83
CA SER A 207 -0.96 6.81 5.11
C SER A 207 0.06 6.11 4.21
N SER A 208 0.37 4.86 4.58
CA SER A 208 1.29 4.07 3.78
C SER A 208 0.68 3.70 2.43
N TYR A 209 -0.65 3.58 2.35
CA TYR A 209 -1.30 3.34 1.07
C TYR A 209 -1.06 4.49 0.12
N ALA A 210 -1.07 5.72 0.63
CA ALA A 210 -0.80 6.88 -0.23
C ALA A 210 0.65 6.88 -0.70
N TYR A 211 1.58 6.45 0.16
CA TYR A 211 2.98 6.47 -0.23
C TYR A 211 3.27 5.48 -1.35
N VAL A 212 2.64 4.31 -1.32
CA VAL A 212 2.83 3.35 -2.42
C VAL A 212 2.28 3.92 -3.71
N LEU A 213 1.18 4.66 -3.63
CA LEU A 213 0.63 5.28 -4.83
C LEU A 213 1.59 6.34 -5.38
N MET A 214 2.27 7.07 -4.50
CA MET A 214 3.25 8.04 -4.95
C MET A 214 4.45 7.34 -5.60
N CYS A 215 4.84 6.18 -5.08
CA CYS A 215 5.93 5.43 -5.69
C CYS A 215 5.52 4.86 -7.04
N ILE A 216 4.35 4.24 -7.11
CA ILE A 216 3.84 3.72 -8.38
C ILE A 216 3.79 4.82 -9.42
N HIS A 217 3.28 6.00 -9.04
CA HIS A 217 3.17 7.10 -9.98
C HIS A 217 4.54 7.66 -10.33
N PHE A 218 5.48 7.67 -9.39
CA PHE A 218 6.83 8.14 -9.71
C PHE A 218 7.49 7.23 -10.73
N LEU A 219 7.36 5.91 -10.56
CA LEU A 219 7.94 4.97 -11.50
C LEU A 219 7.19 4.93 -12.82
N GLN A 220 5.95 5.44 -12.86
CA GLN A 220 5.23 5.52 -14.12
C GLN A 220 5.70 6.69 -14.98
N GLN A 221 6.11 7.81 -14.36
CA GLN A 221 6.50 9.01 -15.09
C GLN A 221 7.97 9.02 -15.51
N ARG A 222 8.81 8.16 -14.93
CA ARG A 222 10.18 8.04 -15.41
C ARG A 222 10.17 7.64 -16.88
N ARG A 223 11.07 8.24 -17.65
CA ARG A 223 11.20 7.88 -19.05
C ARG A 223 12.64 7.51 -19.36
N PRO A 224 12.86 6.26 -19.81
CA PRO A 224 11.91 5.18 -20.11
C PRO A 224 11.14 4.68 -18.89
N PRO A 225 9.93 4.17 -19.10
CA PRO A 225 9.07 3.83 -17.95
C PRO A 225 9.56 2.59 -17.22
N ILE A 226 9.32 2.60 -15.91
CA ILE A 226 9.52 1.41 -15.08
C ILE A 226 8.21 0.67 -14.84
N LEU A 227 7.12 1.41 -14.70
CA LEU A 227 5.80 0.82 -14.51
C LEU A 227 4.84 1.31 -15.58
N PRO A 228 3.89 0.46 -16.00
CA PRO A 228 2.85 0.91 -16.94
C PRO A 228 1.66 1.49 -16.20
N CYS A 229 0.59 1.82 -16.94
CA CYS A 229 -0.68 2.20 -16.34
C CYS A 229 -1.68 1.10 -16.67
N LEU A 230 -1.87 0.18 -15.71
CA LEU A 230 -2.70 -0.99 -15.96
C LEU A 230 -4.13 -0.62 -16.34
N GLN A 231 -4.64 0.49 -15.81
CA GLN A 231 -6.02 0.88 -16.07
C GLN A 231 -6.21 1.51 -17.44
N GLU A 232 -5.16 2.08 -18.03
CA GLU A 232 -5.21 2.58 -19.40
C GLU A 232 -4.87 1.51 -20.44
N MET A 233 -4.93 0.24 -20.07
CA MET A 233 -4.59 -0.86 -20.95
C MET A 233 -5.81 -1.71 -21.26
N GLU A 234 -5.63 -2.67 -22.15
CA GLU A 234 -6.69 -3.60 -22.54
C GLU A 234 -7.18 -4.36 -21.31
N PRO A 235 -8.47 -4.24 -20.96
CA PRO A 235 -8.96 -4.89 -19.74
C PRO A 235 -8.90 -6.41 -19.83
N THR A 236 -8.34 -7.03 -18.80
CA THR A 236 -8.48 -8.47 -18.58
C THR A 236 -9.05 -8.78 -17.21
N TYR A 237 -9.42 -7.76 -16.44
CA TYR A 237 -10.03 -7.92 -15.13
C TYR A 237 -10.99 -6.76 -14.93
N SER A 238 -12.23 -7.08 -14.54
CA SER A 238 -13.23 -6.03 -14.34
C SER A 238 -14.26 -6.53 -13.33
N VAL A 239 -14.35 -5.84 -12.20
CA VAL A 239 -15.35 -6.13 -11.18
C VAL A 239 -16.06 -4.82 -10.85
N ARG A 240 -16.98 -4.87 -9.89
CA ARG A 240 -17.80 -3.71 -9.56
C ARG A 240 -18.21 -3.74 -8.10
N VAL A 241 -18.01 -2.61 -7.42
CA VAL A 241 -18.31 -2.49 -5.99
C VAL A 241 -19.17 -1.24 -5.83
N ASP A 242 -20.50 -1.42 -5.83
CA ASP A 242 -21.46 -0.36 -5.52
C ASP A 242 -21.26 0.87 -6.41
N ASN A 243 -21.54 0.68 -7.69
CA ASN A 243 -21.44 1.74 -8.70
C ASN A 243 -20.02 2.29 -8.81
N ILE A 244 -19.02 1.43 -8.62
CA ILE A 244 -17.62 1.76 -8.88
C ILE A 244 -17.02 0.56 -9.59
N ARG A 245 -16.79 0.68 -10.90
CA ARG A 245 -16.32 -0.43 -11.72
C ARG A 245 -14.80 -0.37 -11.81
N CYS A 246 -14.13 -1.31 -11.17
CA CYS A 246 -12.68 -1.42 -11.21
C CYS A 246 -12.29 -2.31 -12.39
N THR A 247 -11.59 -1.73 -13.37
CA THR A 247 -11.28 -2.41 -14.61
C THR A 247 -9.85 -2.10 -15.00
N TYR A 248 -9.04 -3.13 -15.19
CA TYR A 248 -7.66 -2.94 -15.65
C TYR A 248 -7.12 -4.26 -16.19
N PHE A 249 -5.85 -4.23 -16.60
CA PHE A 249 -5.14 -5.37 -17.14
C PHE A 249 -4.30 -5.98 -16.00
N ASP A 250 -4.54 -7.26 -15.71
CA ASP A 250 -3.91 -7.89 -14.55
C ASP A 250 -3.08 -9.12 -14.91
N ASN A 251 -2.83 -9.38 -16.19
CA ASN A 251 -1.89 -10.43 -16.60
C ASN A 251 -0.46 -9.89 -16.48
N VAL A 252 -0.08 -9.56 -15.24
CA VAL A 252 1.14 -8.81 -15.00
C VAL A 252 2.40 -9.62 -15.28
N ASP A 253 2.32 -10.96 -15.26
CA ASP A 253 3.49 -11.76 -15.61
C ASP A 253 3.84 -11.63 -17.09
N ARG A 254 2.95 -11.11 -17.92
CA ARG A 254 3.28 -10.74 -19.29
C ARG A 254 4.06 -9.43 -19.37
N LEU A 255 4.21 -8.74 -18.24
CA LEU A 255 4.88 -7.45 -18.19
C LEU A 255 6.23 -7.51 -17.48
N ARG A 256 6.74 -8.72 -17.21
CA ARG A 256 7.96 -8.86 -16.42
C ARG A 256 9.13 -8.11 -17.00
N ASN A 257 9.12 -7.79 -18.30
CA ASN A 257 10.20 -7.08 -18.95
C ASN A 257 9.78 -5.68 -19.39
N PHE A 258 8.81 -5.06 -18.71
CA PHE A 258 8.31 -3.76 -19.16
C PHE A 258 9.33 -2.66 -18.92
N GLY A 259 9.71 -2.44 -17.67
CA GLY A 259 10.67 -1.40 -17.36
C GLY A 259 12.10 -1.80 -17.62
N SER A 260 12.30 -2.81 -18.47
CA SER A 260 13.64 -3.37 -18.71
C SER A 260 14.53 -2.45 -19.54
N ASN A 261 13.99 -1.35 -20.07
CA ASN A 261 14.77 -0.36 -20.79
C ASN A 261 15.07 0.87 -19.95
N ASN A 262 14.88 0.79 -18.64
CA ASN A 262 15.23 1.86 -17.71
C ASN A 262 16.30 1.33 -16.76
N ARG A 263 17.50 1.91 -16.84
CA ARG A 263 18.65 1.43 -16.10
C ARG A 263 18.84 2.15 -14.77
N GLU A 264 17.86 2.94 -14.33
CA GLU A 264 18.02 3.68 -13.07
C GLU A 264 18.06 2.71 -11.90
N THR A 265 19.08 2.86 -11.05
CA THR A 265 19.17 2.07 -9.84
C THR A 265 18.37 2.74 -8.73
N ILE A 266 18.26 2.04 -7.59
CA ILE A 266 17.36 2.51 -6.53
C ILE A 266 17.89 3.78 -5.89
N ALA A 267 19.21 3.94 -5.78
CA ALA A 267 19.73 5.19 -5.24
C ALA A 267 19.41 6.36 -6.16
N GLU A 268 19.26 6.11 -7.46
CA GLU A 268 18.75 7.15 -8.36
C GLU A 268 17.28 7.43 -8.07
N LEU A 269 16.50 6.37 -7.85
CA LEU A 269 15.06 6.52 -7.66
C LEU A 269 14.75 7.15 -6.31
N VAL A 270 15.35 6.63 -5.24
CA VAL A 270 15.11 7.19 -3.90
C VAL A 270 15.48 8.67 -3.88
N TRP A 271 16.67 9.01 -4.40
CA TRP A 271 17.01 10.40 -4.60
C TRP A 271 16.00 11.09 -5.51
N GLY A 272 15.62 10.43 -6.61
CA GLY A 272 14.72 11.05 -7.57
C GLY A 272 13.31 11.23 -7.05
N PHE A 273 12.86 10.33 -6.18
CA PHE A 273 11.51 10.43 -5.62
C PHE A 273 11.37 11.69 -4.78
N PHE A 274 12.21 11.82 -3.75
CA PHE A 274 12.14 12.99 -2.88
C PHE A 274 12.47 14.27 -3.62
N ASN A 275 13.23 14.20 -4.71
CA ASN A 275 13.50 15.40 -5.49
C ASN A 275 12.23 15.91 -6.17
N TYR A 276 11.36 14.99 -6.62
CA TYR A 276 10.12 15.42 -7.24
C TYR A 276 9.22 16.14 -6.24
N TRP A 277 8.96 15.51 -5.10
CA TRP A 277 7.99 16.05 -4.15
C TRP A 277 8.51 17.26 -3.38
N ALA A 278 9.80 17.57 -3.48
CA ALA A 278 10.37 18.74 -2.82
C ALA A 278 10.46 19.95 -3.73
N TYR A 279 10.76 19.75 -5.02
CA TYR A 279 11.08 20.87 -5.90
C TYR A 279 10.26 20.86 -7.18
N ALA A 280 9.80 19.69 -7.62
CA ALA A 280 9.22 19.55 -8.95
C ALA A 280 7.69 19.45 -8.94
N HIS A 281 7.08 19.02 -7.84
CA HIS A 281 5.64 18.85 -7.82
C HIS A 281 4.95 20.21 -7.74
N ASP A 282 4.03 20.47 -8.67
CA ASP A 282 3.25 21.70 -8.70
C ASP A 282 2.08 21.54 -7.75
N TYR A 283 2.31 21.89 -6.48
CA TYR A 283 1.32 21.63 -5.44
C TYR A 283 0.01 22.37 -5.66
N ALA A 284 0.01 23.41 -6.48
CA ALA A 284 -1.19 24.22 -6.67
C ALA A 284 -2.12 23.69 -7.76
N TYR A 285 -1.57 23.01 -8.77
CA TYR A 285 -2.35 22.65 -9.95
C TYR A 285 -2.33 21.18 -10.31
N ASN A 286 -1.53 20.34 -9.65
CA ASN A 286 -1.24 19.00 -10.13
C ASN A 286 -1.91 17.95 -9.24
N VAL A 287 -2.35 16.87 -9.90
CA VAL A 287 -2.86 15.67 -9.23
C VAL A 287 -2.02 14.50 -9.73
N VAL A 288 -1.53 13.68 -8.80
CA VAL A 288 -0.86 12.44 -9.18
C VAL A 288 -1.92 11.36 -9.30
N SER A 289 -1.86 10.59 -10.39
CA SER A 289 -2.97 9.70 -10.76
C SER A 289 -2.39 8.36 -11.22
N VAL A 290 -2.39 7.38 -10.32
CA VAL A 290 -2.10 6.00 -10.73
C VAL A 290 -3.16 5.51 -11.71
N ARG A 291 -4.42 5.94 -11.50
CA ARG A 291 -5.51 5.60 -12.42
C ARG A 291 -5.19 6.01 -13.85
N THR A 292 -4.32 6.99 -14.02
CA THR A 292 -3.96 7.52 -15.32
C THR A 292 -2.49 7.34 -15.66
N GLY A 293 -1.63 7.22 -14.65
CA GLY A 293 -0.21 7.21 -14.92
C GLY A 293 0.32 8.52 -15.44
N SER A 294 -0.34 9.63 -15.14
CA SER A 294 0.15 10.93 -15.55
C SER A 294 -0.26 11.96 -14.51
N ILE A 295 -0.10 13.24 -14.87
CA ILE A 295 -0.34 14.35 -13.95
C ILE A 295 -1.61 15.05 -14.39
N LEU A 296 -2.67 14.93 -13.60
CA LEU A 296 -3.97 15.51 -13.92
C LEU A 296 -4.10 16.90 -13.31
N GLY A 297 -4.98 17.70 -13.91
CA GLY A 297 -5.18 19.06 -13.44
C GLY A 297 -6.04 19.11 -12.20
N LYS A 298 -5.58 19.86 -11.19
CA LYS A 298 -6.25 19.97 -9.91
C LYS A 298 -7.32 21.05 -9.90
N ARG A 299 -7.18 22.07 -10.75
CA ARG A 299 -8.11 23.19 -10.75
C ARG A 299 -9.53 22.78 -11.14
N GLU A 300 -9.69 21.67 -11.86
CA GLU A 300 -11.00 21.19 -12.27
C GLU A 300 -11.77 20.49 -11.16
N LYS A 301 -11.35 20.64 -9.90
CA LYS A 301 -11.96 19.98 -8.76
C LYS A 301 -12.08 18.47 -8.99
N ARG A 311 -10.73 20.22 1.11
CA ARG A 311 -9.37 20.61 1.49
C ARG A 311 -8.34 19.68 0.85
N HIS A 312 -7.66 20.18 -0.19
CA HIS A 312 -6.71 19.40 -0.97
C HIS A 312 -5.43 20.21 -1.14
N LEU A 313 -4.41 19.91 -0.34
CA LEU A 313 -3.11 20.57 -0.47
C LEU A 313 -2.09 19.72 -1.20
N ILE A 314 -2.24 18.40 -1.18
CA ILE A 314 -1.39 17.49 -1.92
C ILE A 314 -2.28 16.35 -2.42
N CYS A 315 -2.50 16.30 -3.73
CA CYS A 315 -3.57 15.50 -4.31
C CYS A 315 -3.03 14.16 -4.80
N ILE A 316 -3.42 13.09 -4.11
CA ILE A 316 -3.08 11.72 -4.49
C ILE A 316 -4.41 11.02 -4.76
N GLU A 317 -4.78 10.91 -6.04
CA GLU A 317 -6.08 10.37 -6.42
C GLU A 317 -6.11 8.85 -6.26
N ASP A 318 -7.11 8.35 -5.56
CA ASP A 318 -7.32 6.92 -5.44
C ASP A 318 -7.60 6.33 -6.82
N PRO A 319 -7.01 5.18 -7.16
CA PRO A 319 -7.15 4.66 -8.53
C PRO A 319 -8.58 4.31 -8.93
N PHE A 320 -9.40 3.85 -7.98
CA PHE A 320 -10.76 3.44 -8.30
C PHE A 320 -11.81 4.38 -7.70
N GLU A 321 -11.68 4.69 -6.41
CA GLU A 321 -12.54 5.69 -5.77
C GLU A 321 -11.95 7.07 -6.06
N THR A 322 -12.18 7.53 -7.30
CA THR A 322 -11.46 8.68 -7.82
C THR A 322 -11.79 9.98 -7.09
N SER A 323 -12.90 10.05 -6.38
CA SER A 323 -13.22 11.23 -5.58
C SER A 323 -12.52 11.23 -4.23
N HIS A 324 -11.76 10.19 -3.92
CA HIS A 324 -11.10 10.04 -2.62
C HIS A 324 -9.68 10.56 -2.75
N ASP A 325 -9.48 11.83 -2.39
CA ASP A 325 -8.14 12.41 -2.34
C ASP A 325 -7.45 11.94 -1.08
N LEU A 326 -6.37 11.16 -1.22
CA LEU A 326 -5.66 10.65 -0.07
C LEU A 326 -4.86 11.71 0.67
N GLY A 327 -4.75 12.92 0.12
CA GLY A 327 -4.15 14.04 0.79
C GLY A 327 -5.13 15.00 1.43
N ARG A 328 -6.41 14.64 1.52
CA ARG A 328 -7.38 15.49 2.18
C ARG A 328 -7.17 15.55 3.69
N VAL A 329 -6.39 14.61 4.24
CA VAL A 329 -6.05 14.66 5.66
C VAL A 329 -5.11 15.82 5.95
N VAL A 330 -4.28 16.20 4.98
CA VAL A 330 -3.32 17.27 5.18
C VAL A 330 -4.05 18.59 5.36
N ASP A 331 -3.54 19.42 6.26
CA ASP A 331 -4.02 20.79 6.46
C ASP A 331 -2.89 21.77 6.19
N LYS A 332 -3.18 23.06 6.36
CA LYS A 332 -2.22 24.10 6.02
C LYS A 332 -0.97 24.06 6.89
N PHE A 333 -1.02 23.40 8.05
CA PHE A 333 0.15 23.25 8.91
C PHE A 333 0.97 22.03 8.54
N SER A 334 0.32 20.87 8.43
CA SER A 334 1.04 19.63 8.18
C SER A 334 1.65 19.58 6.79
N ILE A 335 1.13 20.37 5.84
CA ILE A 335 1.74 20.40 4.50
C ILE A 335 3.15 20.98 4.59
N ARG A 336 3.36 21.94 5.49
CA ARG A 336 4.68 22.52 5.65
C ARG A 336 5.66 21.49 6.20
N VAL A 337 5.23 20.71 7.19
CA VAL A 337 6.09 19.67 7.75
C VAL A 337 6.41 18.62 6.69
N LEU A 338 5.42 18.26 5.87
CA LEU A 338 5.66 17.29 4.80
C LEU A 338 6.71 17.81 3.82
N ARG A 339 6.53 19.03 3.33
CA ARG A 339 7.46 19.56 2.34
C ARG A 339 8.84 19.82 2.95
N GLU A 340 8.89 20.21 4.23
CA GLU A 340 10.18 20.35 4.89
C GLU A 340 10.91 19.01 4.97
N GLU A 341 10.18 17.92 5.24
CA GLU A 341 10.79 16.60 5.23
C GLU A 341 11.13 16.14 3.82
N PHE A 342 10.37 16.61 2.82
CA PHE A 342 10.74 16.34 1.43
C PHE A 342 12.05 17.04 1.07
N GLU A 343 12.16 18.33 1.39
CA GLU A 343 13.38 19.07 1.12
C GLU A 343 14.55 18.54 1.93
N ARG A 344 14.29 18.11 3.17
CA ARG A 344 15.34 17.48 3.97
C ARG A 344 15.82 16.20 3.31
N ALA A 345 14.89 15.39 2.81
CA ALA A 345 15.25 14.11 2.20
C ALA A 345 16.05 14.31 0.92
N ALA A 346 15.79 15.39 0.18
CA ALA A 346 16.45 15.60 -1.09
C ALA A 346 17.90 16.04 -0.90
N ARG A 347 18.13 17.03 -0.04
CA ARG A 347 19.50 17.50 0.20
C ARG A 347 20.37 16.38 0.76
N ILE A 348 19.82 15.57 1.66
CA ILE A 348 20.56 14.45 2.21
C ILE A 348 20.90 13.46 1.09
N MET A 349 19.92 13.11 0.27
CA MET A 349 20.16 12.22 -0.87
C MET A 349 21.05 12.86 -1.93
N HIS A 350 21.38 14.14 -1.78
CA HIS A 350 22.19 14.85 -2.76
C HIS A 350 23.54 15.31 -2.25
N GLN A 351 23.75 15.38 -0.93
CA GLN A 351 24.97 15.96 -0.38
C GLN A 351 25.60 15.12 0.72
N ASP A 352 24.81 14.45 1.55
CA ASP A 352 25.34 13.83 2.76
C ASP A 352 26.31 12.71 2.40
N PRO A 353 27.48 12.64 3.03
CA PRO A 353 28.45 11.58 2.68
C PRO A 353 27.97 10.17 3.01
N ASN A 354 26.97 10.02 3.88
CA ASN A 354 26.33 8.73 4.13
C ASN A 354 24.84 8.95 4.19
N PRO A 355 24.20 9.06 3.02
CA PRO A 355 22.77 9.44 2.99
C PRO A 355 21.82 8.34 3.40
N CYS A 356 22.21 7.06 3.28
CA CYS A 356 21.29 5.97 3.59
C CYS A 356 20.93 5.96 5.07
N ALA A 357 21.88 6.28 5.94
CA ALA A 357 21.59 6.35 7.37
C ALA A 357 21.09 7.72 7.79
N LYS A 358 21.50 8.78 7.10
CA LYS A 358 21.05 10.13 7.44
C LYS A 358 19.61 10.36 7.02
N LEU A 359 19.22 9.81 5.87
CA LEU A 359 17.86 9.98 5.38
C LEU A 359 16.84 9.43 6.36
N LEU A 360 17.18 8.35 7.06
CA LEU A 360 16.23 7.61 7.88
C LEU A 360 16.45 7.80 9.37
N GLU A 361 17.34 8.71 9.79
CA GLU A 361 17.55 8.90 11.21
C GLU A 361 16.25 9.39 11.85
N PRO A 362 15.87 8.82 12.99
CA PRO A 362 14.52 9.09 13.53
C PRO A 362 14.33 10.55 13.88
N TYR A 363 13.07 10.98 13.87
CA TYR A 363 12.69 12.31 14.31
C TYR A 363 12.27 12.25 15.77
N ILE A 364 12.83 13.14 16.58
CA ILE A 364 12.60 13.17 18.02
C ILE A 364 11.88 14.47 18.36
N PRO A 365 10.64 14.42 18.87
CA PRO A 365 9.90 15.61 19.30
C PRO A 365 10.56 16.30 20.50
PA UTP B . -2.69 1.61 5.81
O1A UTP B . -3.21 1.70 7.23
O2A UTP B . -2.31 3.02 5.30
O3A UTP B . -1.38 0.60 5.78
O5' UTP B . -3.88 0.94 4.80
PB UTP B . -0.64 0.03 7.17
O1B UTP B . -1.45 -1.18 7.76
O2B UTP B . -0.54 1.16 8.21
O3B UTP B . 0.83 -0.48 6.76
PG UTP B . 2.09 -0.37 7.80
O1G UTP B . 2.81 0.98 7.57
O2G UTP B . 1.59 -0.44 9.21
O3G UTP B . 3.07 -1.53 7.53
C5' UTP B . -3.40 0.18 3.69
C4' UTP B . -4.59 -0.64 3.09
O4' UTP B . -5.95 -0.06 3.56
C1' UTP B . -6.73 0.30 2.31
C2' UTP B . -5.99 -0.05 1.26
O2' UTP B . -6.65 -1.10 0.52
C3' UTP B . -4.55 -0.55 1.78
O3' UTP B . -4.24 -1.88 1.21
N1 UTP B . -7.01 1.75 2.28
C6 UTP B . -6.16 2.60 2.85
C2 UTP B . -8.13 2.21 1.66
O2 UTP B . -8.87 1.45 1.16
N3 UTP B . -8.40 3.55 1.63
C4 UTP B . -7.56 4.41 2.20
O4 UTP B . -7.79 5.61 2.17
C5 UTP B . -6.42 3.95 2.82
#